data_9GX6
#
_entry.id   9GX6
#
_cell.length_a   94.335
_cell.length_b   61.203
_cell.length_c   119.062
_cell.angle_alpha   90.00
_cell.angle_beta   101.64
_cell.angle_gamma   90.00
#
_symmetry.space_group_name_H-M   'C 1 2 1'
#
loop_
_entity.id
_entity.type
_entity.pdbx_description
1 polymer 'Peroxisome proliferator-activated receptor gamma'
2 non-polymer '4-[5-chloranyl-1-(2,6-dimethylphenyl)carbonyl-indazol-3-yl]-3-phenylmethoxy-benzoic acid'
3 water water
#
_entity_poly.entity_id   1
_entity_poly.type   'polypeptide(L)'
_entity_poly.pdbx_seq_one_letter_code
;GSHMESADLRALAKHLYDSYIKSFPLTKAKARAILTGKTTDKSPFVIYDMNSLMMGEDKIKFKHITPLQEQSKEVAIRIF
QGCQFRSVEAVQEITEYAKSIPGFVNLDLNDQVTLLKYGVHEIIYTMLASLMNKDGVLISEGQGFMTREFLKSLRKPFGD
FMEPKFEFAVKFNALELDDSDLAIFIAVIILSGDRPGLLNVKPIEDIQDNLLQALELQLKLNHPESSQLFAKLLQKMTDL
RQIVTEHVQLLQVIKKTETDMSLHPLLQEIYKDLY
;
_entity_poly.pdbx_strand_id   A,B
#
loop_
_chem_comp.id
_chem_comp.type
_chem_comp.name
_chem_comp.formula
A1IQL non-polymer '4-[5-chloranyl-1-(2,6-dimethylphenyl)carbonyl-indazol-3-yl]-3-phenylmethoxy-benzoic acid' 'C30 H23 Cl N2 O4'
#
# COMPACT_ATOMS: atom_id res chain seq x y z
N HIS A 3 12.02 -13.53 17.75
CA HIS A 3 12.84 -14.72 18.12
C HIS A 3 14.31 -14.35 18.36
N MET A 4 14.67 -13.05 18.27
CA MET A 4 16.06 -12.64 18.47
C MET A 4 16.23 -11.87 19.79
N GLU A 5 17.41 -12.03 20.43
CA GLU A 5 17.74 -11.27 21.63
C GLU A 5 17.99 -9.81 21.26
N SER A 6 17.70 -8.92 22.21
CA SER A 6 17.86 -7.49 22.06
C SER A 6 19.25 -7.11 21.58
N ALA A 7 20.29 -7.65 22.24
CA ALA A 7 21.66 -7.27 21.97
C ALA A 7 22.01 -7.54 20.52
N ASP A 8 21.42 -8.60 19.95
CA ASP A 8 21.61 -8.95 18.55
C ASP A 8 20.86 -7.99 17.62
N LEU A 9 19.67 -7.55 18.04
CA LEU A 9 18.87 -6.58 17.30
C LEU A 9 19.59 -5.23 17.26
N ARG A 10 20.19 -4.84 18.39
CA ARG A 10 20.98 -3.62 18.47
C ARG A 10 22.26 -3.75 17.64
N ALA A 11 22.85 -4.94 17.64
CA ALA A 11 24.06 -5.22 16.86
C ALA A 11 23.79 -5.04 15.37
N LEU A 12 22.62 -5.50 14.92
CA LEU A 12 22.21 -5.44 13.53
C LEU A 12 21.91 -3.99 13.11
N ALA A 13 21.27 -3.23 14.00
CA ALA A 13 21.04 -1.81 13.75
C ALA A 13 22.36 -1.06 13.58
N LYS A 14 23.31 -1.31 14.49
CA LYS A 14 24.63 -0.69 14.44
C LYS A 14 25.33 -1.05 13.13
N HIS A 15 25.27 -2.33 12.74
CA HIS A 15 25.90 -2.79 11.51
C HIS A 15 25.34 -2.02 10.32
N LEU A 16 24.00 -1.92 10.23
CA LEU A 16 23.36 -1.30 9.08
C LEU A 16 23.61 0.20 9.03
N TYR A 17 23.59 0.86 10.20
CA TYR A 17 23.86 2.29 10.25
C TYR A 17 25.25 2.54 9.69
N ASP A 18 26.25 1.81 10.23
CA ASP A 18 27.65 1.92 9.82
C ASP A 18 27.79 1.76 8.31
N SER A 19 27.05 0.82 7.74
CA SER A 19 27.15 0.52 6.33
C SER A 19 26.47 1.57 5.48
N TYR A 20 25.32 2.08 5.94
CA TYR A 20 24.61 3.19 5.30
C TYR A 20 25.55 4.40 5.19
N ILE A 21 26.29 4.70 6.26
CA ILE A 21 27.24 5.84 6.28
C ILE A 21 28.28 5.63 5.17
N LYS A 22 28.76 4.38 5.03
CA LYS A 22 29.82 4.09 4.07
C LYS A 22 29.30 4.18 2.64
N SER A 23 28.02 3.87 2.41
CA SER A 23 27.50 3.69 1.06
C SER A 23 26.93 4.97 0.45
N PHE A 24 26.45 5.88 1.30
CA PHE A 24 25.68 7.03 0.82
C PHE A 24 26.50 8.29 1.11
N PRO A 25 26.82 9.12 0.10
CA PRO A 25 27.73 10.25 0.32
C PRO A 25 27.11 11.30 1.24
N LEU A 26 25.84 11.62 0.98
CA LEU A 26 25.17 12.72 1.64
C LEU A 26 24.05 12.19 2.54
N THR A 27 24.30 12.17 3.86
CA THR A 27 23.34 11.71 4.86
C THR A 27 22.22 12.74 5.08
N LYS A 28 21.17 12.29 5.76
CA LYS A 28 20.11 13.18 6.20
C LYS A 28 20.63 14.22 7.19
N ALA A 29 21.45 13.78 8.16
CA ALA A 29 22.05 14.68 9.14
C ALA A 29 22.83 15.80 8.46
N LYS A 30 23.63 15.49 7.43
CA LYS A 30 24.38 16.51 6.70
C LYS A 30 23.44 17.41 5.89
N ALA A 31 22.45 16.80 5.23
CA ALA A 31 21.46 17.56 4.48
C ALA A 31 20.72 18.56 5.37
N ARG A 32 20.34 18.18 6.59
CA ARG A 32 19.58 19.07 7.46
C ARG A 32 20.46 20.23 7.93
N ALA A 33 21.73 19.95 8.23
CA ALA A 33 22.65 21.00 8.65
C ALA A 33 22.75 22.05 7.54
N ILE A 34 22.82 21.60 6.29
CA ILE A 34 22.86 22.50 5.15
C ILE A 34 21.54 23.25 5.02
N LEU A 35 20.40 22.58 5.17
CA LEU A 35 19.12 23.22 4.85
C LEU A 35 18.76 24.27 5.91
N THR A 36 19.07 24.01 7.18
CA THR A 36 18.63 24.86 8.28
C THR A 36 19.60 26.03 8.43
N GLY A 37 20.82 25.86 7.95
CA GLY A 37 21.74 26.97 7.76
C GLY A 37 22.41 27.33 9.08
N LYS A 38 22.45 28.65 9.35
CA LYS A 38 23.10 29.26 10.50
C LYS A 38 24.60 28.92 10.52
N THR A 39 25.11 28.44 9.37
CA THR A 39 26.53 28.13 9.20
C THR A 39 27.00 28.94 7.98
N THR A 40 28.27 29.40 7.98
CA THR A 40 28.83 30.07 6.81
C THR A 40 29.36 29.08 5.77
N ASP A 41 30.05 28.01 6.19
CA ASP A 41 30.79 27.12 5.28
C ASP A 41 29.93 26.21 4.39
N LYS A 42 28.72 25.85 4.84
CA LYS A 42 27.95 24.84 4.13
C LYS A 42 26.82 25.43 3.28
N SER A 43 26.85 26.73 2.95
CA SER A 43 25.71 27.41 2.32
C SER A 43 25.60 27.02 0.85
N PRO A 44 24.41 26.53 0.41
CA PRO A 44 24.19 26.25 -0.99
C PRO A 44 23.91 27.49 -1.85
N PHE A 45 24.38 27.44 -3.10
CA PHE A 45 23.91 28.33 -4.14
C PHE A 45 22.48 27.94 -4.52
N VAL A 46 21.60 28.92 -4.66
CA VAL A 46 20.19 28.66 -4.83
C VAL A 46 19.76 28.98 -6.26
N ILE A 47 19.11 27.98 -6.89
CA ILE A 47 18.65 28.06 -8.27
C ILE A 47 17.12 28.12 -8.26
N TYR A 48 16.59 29.27 -8.65
CA TYR A 48 15.17 29.60 -8.52
C TYR A 48 14.59 30.06 -9.86
N ASP A 49 15.45 30.20 -10.90
CA ASP A 49 15.05 30.64 -12.23
C ASP A 49 16.18 30.40 -13.23
N MET A 50 15.96 30.86 -14.49
CA MET A 50 16.86 30.56 -15.59
C MET A 50 18.23 31.21 -15.40
N ASN A 51 18.23 32.50 -15.03
CA ASN A 51 19.46 33.25 -14.80
C ASN A 51 20.32 32.54 -13.74
N SER A 52 19.67 32.14 -12.64
CA SER A 52 20.42 31.59 -11.52
C SER A 52 20.92 30.19 -11.88
N LEU A 53 20.21 29.46 -12.74
CA LEU A 53 20.73 28.20 -13.25
C LEU A 53 22.04 28.47 -13.99
N MET A 54 22.01 29.43 -14.93
CA MET A 54 23.18 29.81 -15.70
C MET A 54 24.36 30.05 -14.75
N MET A 55 24.13 30.85 -13.70
CA MET A 55 25.23 31.25 -12.83
C MET A 55 25.68 30.08 -11.95
N GLY A 56 24.78 29.12 -11.68
CA GLY A 56 25.06 28.00 -10.79
C GLY A 56 26.12 27.03 -11.33
N GLU A 57 26.06 26.77 -12.64
CA GLU A 57 27.02 25.89 -13.30
C GLU A 57 28.43 26.48 -13.17
N ASP A 58 28.55 27.80 -13.31
CA ASP A 58 29.84 28.49 -13.25
C ASP A 58 30.41 28.44 -11.82
N LYS A 59 29.53 28.38 -10.80
CA LYS A 59 29.97 28.40 -9.41
C LYS A 59 30.29 26.97 -8.95
N ILE A 60 29.40 26.02 -9.24
CA ILE A 60 29.61 24.63 -8.83
C ILE A 60 30.24 23.85 -10.00
N GLU A 74 17.76 22.37 -23.80
CA GLU A 74 16.49 23.00 -23.34
C GLU A 74 16.33 22.67 -21.85
N VAL A 75 15.89 23.66 -21.06
CA VAL A 75 16.15 23.65 -19.63
C VAL A 75 15.45 22.45 -18.97
N ALA A 76 14.19 22.21 -19.33
CA ALA A 76 13.41 21.18 -18.69
C ALA A 76 14.05 19.80 -18.92
N ILE A 77 14.62 19.60 -20.12
CA ILE A 77 15.32 18.37 -20.45
C ILE A 77 16.60 18.28 -19.63
N ARG A 78 17.37 19.37 -19.55
CA ARG A 78 18.66 19.37 -18.86
C ARG A 78 18.46 18.95 -17.40
N ILE A 79 17.39 19.45 -16.80
CA ILE A 79 17.07 19.18 -15.41
C ILE A 79 16.58 17.74 -15.27
N PHE A 80 15.74 17.30 -16.21
CA PHE A 80 15.28 15.92 -16.21
C PHE A 80 16.49 14.98 -16.26
N GLN A 81 17.38 15.24 -17.22
CA GLN A 81 18.58 14.44 -17.36
C GLN A 81 19.44 14.53 -16.10
N GLY A 82 19.46 15.70 -15.45
CA GLY A 82 20.14 15.85 -14.17
C GLY A 82 19.61 14.88 -13.13
N CYS A 83 18.27 14.80 -12.99
CA CYS A 83 17.61 13.90 -12.05
C CYS A 83 17.89 12.43 -12.39
N GLN A 84 17.79 12.09 -13.68
CA GLN A 84 18.06 10.75 -14.17
C GLN A 84 19.46 10.32 -13.78
N PHE A 85 20.44 11.20 -14.00
CA PHE A 85 21.84 10.90 -13.75
C PHE A 85 22.09 10.60 -12.28
N ARG A 86 21.54 11.43 -11.39
CA ARG A 86 21.64 11.21 -9.95
C ARG A 86 20.95 9.90 -9.53
N SER A 87 19.80 9.59 -10.14
CA SER A 87 19.07 8.36 -9.86
C SER A 87 19.92 7.13 -10.16
N VAL A 88 20.68 7.16 -11.26
CA VAL A 88 21.55 6.04 -11.63
C VAL A 88 22.64 5.89 -10.58
N GLU A 89 23.22 7.01 -10.18
CA GLU A 89 24.20 7.01 -9.11
C GLU A 89 23.59 6.40 -7.86
N ALA A 90 22.32 6.74 -7.58
CA ALA A 90 21.64 6.25 -6.38
C ALA A 90 21.49 4.74 -6.43
N VAL A 91 21.05 4.21 -7.59
CA VAL A 91 20.99 2.77 -7.78
C VAL A 91 22.32 2.11 -7.37
N GLN A 92 23.43 2.64 -7.88
CA GLN A 92 24.76 2.12 -7.58
C GLN A 92 25.00 2.10 -6.08
N GLU A 93 24.64 3.21 -5.39
CA GLU A 93 24.88 3.31 -3.96
C GLU A 93 23.99 2.34 -3.19
N ILE A 94 22.72 2.24 -3.60
CA ILE A 94 21.77 1.33 -2.96
C ILE A 94 22.23 -0.11 -3.13
N THR A 95 22.70 -0.44 -4.35
CA THR A 95 23.18 -1.79 -4.63
C THR A 95 24.32 -2.16 -3.67
N GLU A 96 25.24 -1.24 -3.47
CA GLU A 96 26.37 -1.51 -2.60
C GLU A 96 25.89 -1.67 -1.15
N TYR A 97 24.90 -0.86 -0.76
CA TYR A 97 24.35 -0.99 0.57
C TYR A 97 23.68 -2.35 0.73
N ALA A 98 22.90 -2.77 -0.28
CA ALA A 98 22.19 -4.04 -0.25
C ALA A 98 23.13 -5.22 0.03
N LYS A 99 24.29 -5.27 -0.63
CA LYS A 99 25.24 -6.34 -0.44
C LYS A 99 25.66 -6.43 1.04
N SER A 100 25.61 -5.34 1.79
CA SER A 100 26.04 -5.36 3.18
C SER A 100 24.96 -5.96 4.08
N ILE A 101 23.71 -6.07 3.60
CA ILE A 101 22.63 -6.51 4.46
C ILE A 101 22.81 -8.01 4.73
N PRO A 102 22.96 -8.44 6.00
CA PRO A 102 23.25 -9.84 6.30
C PRO A 102 22.23 -10.77 5.65
N GLY A 103 22.75 -11.71 4.88
CA GLY A 103 21.96 -12.71 4.19
C GLY A 103 21.68 -12.38 2.72
N PHE A 104 21.78 -11.10 2.32
CA PHE A 104 21.34 -10.72 0.98
C PHE A 104 22.17 -11.41 -0.10
N VAL A 105 23.51 -11.34 -0.01
CA VAL A 105 24.34 -11.89 -1.08
C VAL A 105 24.24 -13.42 -1.10
N ASN A 106 23.83 -14.03 0.02
CA ASN A 106 23.67 -15.47 0.13
C ASN A 106 22.44 -15.99 -0.65
N LEU A 107 21.52 -15.11 -1.02
CA LEU A 107 20.28 -15.52 -1.69
C LEU A 107 20.60 -15.98 -3.11
N ASP A 108 19.65 -16.71 -3.70
CA ASP A 108 19.60 -16.97 -5.14
C ASP A 108 19.88 -15.69 -5.91
N LEU A 109 20.73 -15.79 -6.93
CA LEU A 109 21.19 -14.61 -7.63
C LEU A 109 20.07 -13.93 -8.42
N ASN A 110 19.14 -14.72 -8.97
CA ASN A 110 18.02 -14.13 -9.71
C ASN A 110 17.14 -13.31 -8.75
N ASP A 111 17.03 -13.77 -7.50
CA ASP A 111 16.21 -13.12 -6.52
C ASP A 111 16.86 -11.80 -6.07
N GLN A 112 18.20 -11.79 -5.97
CA GLN A 112 18.91 -10.55 -5.70
C GLN A 112 18.51 -9.53 -6.74
N VAL A 113 18.52 -9.93 -8.00
CA VAL A 113 18.22 -8.99 -9.07
C VAL A 113 16.80 -8.48 -8.91
N THR A 114 15.87 -9.41 -8.71
CA THR A 114 14.46 -9.09 -8.55
C THR A 114 14.23 -8.11 -7.38
N LEU A 115 14.89 -8.35 -6.24
CA LEU A 115 14.66 -7.53 -5.05
C LEU A 115 15.11 -6.10 -5.31
N LEU A 116 16.26 -5.94 -5.98
CA LEU A 116 16.78 -4.63 -6.33
C LEU A 116 15.90 -3.98 -7.37
N LYS A 117 15.51 -4.76 -8.37
CA LYS A 117 14.67 -4.25 -9.46
C LYS A 117 13.41 -3.53 -8.94
N TYR A 118 12.69 -4.15 -7.99
CA TYR A 118 11.43 -3.60 -7.48
C TYR A 118 11.69 -2.59 -6.35
N GLY A 119 12.84 -2.70 -5.67
CA GLY A 119 13.08 -2.00 -4.43
C GLY A 119 13.76 -0.64 -4.61
N VAL A 120 14.57 -0.49 -5.67
CA VAL A 120 15.43 0.68 -5.80
C VAL A 120 14.58 1.95 -5.89
N HIS A 121 13.51 1.96 -6.69
CA HIS A 121 12.68 3.15 -6.84
C HIS A 121 12.08 3.60 -5.52
N GLU A 122 11.56 2.66 -4.74
CA GLU A 122 10.96 2.98 -3.46
C GLU A 122 12.02 3.64 -2.56
N ILE A 123 13.26 3.13 -2.62
CA ILE A 123 14.34 3.65 -1.80
C ILE A 123 14.80 5.03 -2.26
N ILE A 124 14.80 5.28 -3.57
CA ILE A 124 15.23 6.56 -4.10
C ILE A 124 14.30 7.65 -3.58
N TYR A 125 12.98 7.41 -3.66
CA TYR A 125 12.00 8.36 -3.14
C TYR A 125 12.22 8.59 -1.65
N THR A 126 12.42 7.51 -0.89
CA THR A 126 12.61 7.58 0.55
C THR A 126 13.76 8.53 0.85
N MET A 127 14.87 8.32 0.16
CA MET A 127 16.14 8.96 0.48
C MET A 127 16.19 10.35 -0.12
N LEU A 128 15.48 10.57 -1.23
CA LEU A 128 15.30 11.88 -1.81
C LEU A 128 14.62 12.83 -0.80
N ALA A 129 13.70 12.30 0.02
CA ALA A 129 12.99 13.10 1.01
C ALA A 129 13.96 13.72 2.01
N SER A 130 15.05 13.00 2.33
CA SER A 130 16.09 13.49 3.21
C SER A 130 16.71 14.79 2.72
N LEU A 131 16.69 15.03 1.40
CA LEU A 131 17.36 16.15 0.76
C LEU A 131 16.37 17.30 0.50
N MET A 132 15.13 17.17 0.97
CA MET A 132 14.06 18.09 0.62
C MET A 132 13.49 18.78 1.86
N ASN A 133 13.03 20.01 1.69
CA ASN A 133 12.03 20.61 2.58
C ASN A 133 10.91 21.12 1.70
N LYS A 134 9.98 21.89 2.25
CA LYS A 134 8.82 22.28 1.47
C LYS A 134 9.21 23.27 0.36
N ASP A 135 10.41 23.83 0.41
CA ASP A 135 10.84 24.87 -0.51
C ASP A 135 11.81 24.42 -1.61
N GLY A 136 12.45 23.23 -1.50
CA GLY A 136 13.31 22.76 -2.57
C GLY A 136 14.16 21.55 -2.19
N VAL A 137 15.17 21.26 -3.04
CA VAL A 137 15.94 20.03 -2.93
C VAL A 137 17.44 20.30 -3.08
N LEU A 138 18.25 19.65 -2.24
CA LEU A 138 19.70 19.74 -2.37
C LEU A 138 20.16 19.00 -3.62
N ILE A 139 21.19 19.53 -4.27
CA ILE A 139 21.78 18.95 -5.46
C ILE A 139 23.30 19.10 -5.38
N SER A 140 23.99 18.39 -6.26
CA SER A 140 25.45 18.43 -6.31
C SER A 140 26.04 18.26 -4.92
N GLU A 141 25.68 17.15 -4.24
CA GLU A 141 26.22 16.80 -2.94
C GLU A 141 26.05 17.95 -1.95
N GLY A 142 24.91 18.64 -2.00
CA GLY A 142 24.61 19.65 -1.00
C GLY A 142 25.11 21.06 -1.38
N GLN A 143 25.78 21.18 -2.53
CA GLN A 143 26.40 22.44 -2.92
C GLN A 143 25.37 23.38 -3.53
N GLY A 144 24.27 22.81 -4.05
CA GLY A 144 23.24 23.61 -4.66
C GLY A 144 21.92 23.31 -3.99
N PHE A 145 20.95 24.20 -4.20
CA PHE A 145 19.58 23.98 -3.82
C PHE A 145 18.73 24.51 -4.97
N MET A 146 17.88 23.65 -5.50
CA MET A 146 16.93 24.07 -6.51
C MET A 146 15.55 24.12 -5.88
N THR A 147 14.82 25.21 -6.15
CA THR A 147 13.55 25.48 -5.50
C THR A 147 12.45 24.65 -6.14
N ARG A 148 11.47 24.33 -5.30
CA ARG A 148 10.27 23.63 -5.71
C ARG A 148 9.45 24.42 -6.72
N GLU A 149 9.33 25.74 -6.56
CA GLU A 149 8.54 26.58 -7.46
C GLU A 149 9.14 26.55 -8.87
N PHE A 150 10.48 26.62 -8.96
CA PHE A 150 11.14 26.56 -10.24
C PHE A 150 10.86 25.21 -10.92
N LEU A 151 11.10 24.11 -10.18
CA LEU A 151 10.93 22.76 -10.69
C LEU A 151 9.50 22.54 -11.16
N LYS A 152 8.54 22.95 -10.34
CA LYS A 152 7.12 22.77 -10.62
C LYS A 152 6.67 23.56 -11.84
N SER A 153 7.42 24.59 -12.24
CA SER A 153 6.98 25.47 -13.31
C SER A 153 7.69 25.14 -14.63
N LEU A 154 8.47 24.05 -14.67
CA LEU A 154 9.00 23.57 -15.93
C LEU A 154 7.82 23.16 -16.82
N ARG A 155 8.04 23.22 -18.14
CA ARG A 155 6.94 23.20 -19.09
C ARG A 155 6.36 21.80 -19.24
N LYS A 156 5.22 21.73 -19.96
CA LYS A 156 4.76 20.54 -20.64
C LYS A 156 4.41 19.48 -19.60
N PRO A 157 4.99 18.25 -19.66
CA PRO A 157 4.80 17.28 -18.58
C PRO A 157 5.79 17.41 -17.42
N PHE A 158 6.93 18.06 -17.65
CA PHE A 158 8.07 18.03 -16.75
C PHE A 158 7.77 18.65 -15.38
N GLY A 159 7.00 19.73 -15.31
CA GLY A 159 6.78 20.37 -14.02
C GLY A 159 6.03 19.45 -13.07
N ASP A 160 4.98 18.81 -13.58
CA ASP A 160 4.11 17.98 -12.77
C ASP A 160 4.73 16.59 -12.61
N PHE A 161 5.94 16.39 -13.15
CA PHE A 161 6.71 15.19 -12.88
C PHE A 161 7.57 15.42 -11.63
N MET A 162 7.85 16.69 -11.33
CA MET A 162 8.73 17.03 -10.23
C MET A 162 7.93 17.14 -8.93
N GLU A 163 6.74 17.75 -8.98
CA GLU A 163 5.99 18.15 -7.79
C GLU A 163 5.62 16.96 -6.89
N PRO A 164 5.09 15.83 -7.40
CA PRO A 164 4.77 14.68 -6.53
C PRO A 164 5.90 14.21 -5.61
N LYS A 165 7.15 14.36 -6.06
CA LYS A 165 8.30 14.03 -5.24
C LYS A 165 8.28 14.86 -3.95
N PHE A 166 7.99 16.16 -4.08
CA PHE A 166 7.93 17.05 -2.93
C PHE A 166 6.74 16.73 -2.03
N GLU A 167 5.61 16.42 -2.66
CA GLU A 167 4.38 16.12 -1.93
C GLU A 167 4.65 14.94 -1.01
N PHE A 168 5.34 13.93 -1.54
CA PHE A 168 5.67 12.77 -0.74
C PHE A 168 6.64 13.18 0.38
N ALA A 169 7.71 13.88 0.01
CA ALA A 169 8.77 14.16 0.98
C ALA A 169 8.20 14.88 2.21
N VAL A 170 7.29 15.84 1.99
CA VAL A 170 6.78 16.67 3.07
C VAL A 170 6.10 15.79 4.12
N LYS A 171 5.30 14.85 3.65
CA LYS A 171 4.59 13.91 4.52
C LYS A 171 5.62 13.01 5.20
N PHE A 172 6.54 12.42 4.43
CA PHE A 172 7.49 11.49 5.02
C PHE A 172 8.39 12.17 6.05
N ASN A 173 8.78 13.42 5.78
CA ASN A 173 9.69 14.11 6.67
C ASN A 173 9.02 14.43 7.99
N ALA A 174 7.67 14.45 8.02
CA ALA A 174 6.94 14.70 9.24
C ALA A 174 7.22 13.65 10.33
N LEU A 175 7.66 12.43 9.93
CA LEU A 175 7.95 11.37 10.89
C LEU A 175 9.25 11.65 11.64
N GLU A 176 10.10 12.51 11.08
CA GLU A 176 11.34 12.89 11.72
C GLU A 176 12.24 11.68 11.99
N LEU A 177 12.37 10.80 11.00
CA LEU A 177 13.38 9.76 11.06
C LEU A 177 14.78 10.37 10.97
N ASP A 178 15.77 9.69 11.57
CA ASP A 178 17.16 10.02 11.33
C ASP A 178 17.80 8.84 10.59
N ASP A 179 19.07 8.99 10.22
CA ASP A 179 19.77 8.05 9.36
C ASP A 179 19.78 6.64 9.98
N SER A 180 19.98 6.58 11.30
CA SER A 180 20.04 5.31 12.00
C SER A 180 18.73 4.56 11.78
N ASP A 181 17.61 5.29 11.75
CA ASP A 181 16.28 4.74 11.50
C ASP A 181 16.14 4.33 10.04
N LEU A 182 16.53 5.21 9.13
CA LEU A 182 16.37 4.97 7.70
C LEU A 182 17.21 3.77 7.23
N ALA A 183 18.39 3.54 7.83
CA ALA A 183 19.22 2.43 7.41
C ALA A 183 18.43 1.13 7.51
N ILE A 184 17.77 0.93 8.67
CA ILE A 184 16.96 -0.27 8.86
C ILE A 184 15.74 -0.27 7.93
N PHE A 185 15.06 0.88 7.77
CA PHE A 185 13.87 0.97 6.94
C PHE A 185 14.16 0.62 5.48
N ILE A 186 15.27 1.15 4.94
CA ILE A 186 15.69 0.85 3.58
C ILE A 186 15.89 -0.66 3.41
N ALA A 187 16.50 -1.30 4.41
CA ALA A 187 16.77 -2.73 4.42
C ALA A 187 15.48 -3.53 4.37
N VAL A 188 14.48 -3.13 5.16
CA VAL A 188 13.17 -3.77 5.15
C VAL A 188 12.56 -3.71 3.75
N ILE A 189 12.63 -2.55 3.10
CA ILE A 189 12.07 -2.44 1.74
C ILE A 189 12.72 -3.44 0.80
N ILE A 190 14.07 -3.56 0.83
CA ILE A 190 14.78 -4.37 -0.15
C ILE A 190 14.38 -5.83 0.04
N LEU A 191 14.34 -6.30 1.29
CA LEU A 191 14.01 -7.68 1.58
C LEU A 191 12.50 -7.91 1.62
N SER A 192 11.80 -7.55 0.54
CA SER A 192 10.36 -7.78 0.47
C SER A 192 10.07 -9.09 -0.27
N GLY A 193 9.47 -10.05 0.44
CA GLY A 193 9.16 -11.36 -0.12
C GLY A 193 7.97 -11.38 -1.08
N ASP A 194 7.30 -10.23 -1.29
CA ASP A 194 6.12 -10.18 -2.13
C ASP A 194 6.44 -9.66 -3.53
N ARG A 195 7.71 -9.47 -3.88
CA ARG A 195 8.05 -9.00 -5.21
C ARG A 195 7.72 -10.05 -6.27
N PRO A 196 7.22 -9.65 -7.45
CA PRO A 196 6.90 -10.61 -8.50
C PRO A 196 8.13 -11.39 -8.97
N GLY A 197 7.98 -12.72 -9.12
CA GLY A 197 8.98 -13.54 -9.78
C GLY A 197 10.04 -14.10 -8.82
N LEU A 198 9.85 -13.91 -7.51
CA LEU A 198 10.80 -14.41 -6.54
C LEU A 198 10.74 -15.94 -6.57
N LEU A 199 11.88 -16.60 -6.42
CA LEU A 199 11.94 -18.05 -6.46
C LEU A 199 11.89 -18.62 -5.05
N ASN A 200 12.53 -17.96 -4.08
CA ASN A 200 12.57 -18.48 -2.74
C ASN A 200 12.20 -17.43 -1.72
N VAL A 201 10.91 -17.34 -1.42
CA VAL A 201 10.37 -16.32 -0.57
C VAL A 201 10.80 -16.56 0.87
N LYS A 202 10.84 -17.82 1.30
CA LYS A 202 11.03 -18.11 2.71
C LYS A 202 12.28 -17.44 3.27
N PRO A 203 13.49 -17.64 2.69
CA PRO A 203 14.71 -17.04 3.23
C PRO A 203 14.73 -15.50 3.22
N ILE A 204 14.04 -14.90 2.24
CA ILE A 204 13.84 -13.45 2.21
C ILE A 204 12.99 -13.00 3.40
N GLU A 205 11.89 -13.70 3.69
CA GLU A 205 10.97 -13.32 4.75
C GLU A 205 11.63 -13.51 6.11
N ASP A 206 12.53 -14.50 6.23
CA ASP A 206 13.27 -14.72 7.48
C ASP A 206 14.23 -13.56 7.76
N ILE A 207 14.88 -13.05 6.72
CA ILE A 207 15.74 -11.89 6.86
C ILE A 207 14.88 -10.67 7.23
N GLN A 208 13.79 -10.46 6.46
CA GLN A 208 12.91 -9.34 6.72
C GLN A 208 12.39 -9.33 8.15
N ASP A 209 12.02 -10.51 8.69
CA ASP A 209 11.47 -10.59 10.04
C ASP A 209 12.50 -10.08 11.04
N ASN A 210 13.78 -10.37 10.79
CA ASN A 210 14.85 -9.88 11.63
C ASN A 210 15.00 -8.36 11.53
N LEU A 211 14.95 -7.86 10.30
CA LEU A 211 15.03 -6.44 10.05
C LEU A 211 13.84 -5.72 10.72
N LEU A 212 12.64 -6.33 10.65
CA LEU A 212 11.45 -5.71 11.21
C LEU A 212 11.56 -5.67 12.73
N GLN A 213 12.05 -6.75 13.34
CA GLN A 213 12.30 -6.74 14.77
C GLN A 213 13.31 -5.64 15.10
N ALA A 214 14.36 -5.52 14.28
CA ALA A 214 15.41 -4.54 14.54
C ALA A 214 14.87 -3.11 14.41
N LEU A 215 14.03 -2.88 13.39
CA LEU A 215 13.42 -1.57 13.18
C LEU A 215 12.51 -1.20 14.36
N GLU A 216 11.74 -2.16 14.85
CA GLU A 216 10.77 -1.93 15.92
C GLU A 216 11.46 -1.50 17.20
N LEU A 217 12.47 -2.27 17.61
CA LEU A 217 13.26 -1.90 18.78
C LEU A 217 13.99 -0.58 18.57
N GLN A 218 14.49 -0.33 17.35
CA GLN A 218 15.21 0.91 17.06
C GLN A 218 14.31 2.12 17.28
N LEU A 219 13.09 2.04 16.75
CA LEU A 219 12.13 3.13 16.83
C LEU A 219 11.68 3.37 18.26
N LYS A 220 11.42 2.30 19.01
CA LYS A 220 10.99 2.47 20.40
C LYS A 220 12.08 3.16 21.23
N LEU A 221 13.35 2.90 20.94
CA LEU A 221 14.43 3.44 21.75
C LEU A 221 14.79 4.86 21.33
N ASN A 222 14.73 5.11 20.02
CA ASN A 222 15.19 6.39 19.48
C ASN A 222 14.06 7.43 19.52
N HIS A 223 12.80 6.95 19.53
CA HIS A 223 11.63 7.81 19.50
C HIS A 223 10.62 7.31 20.52
N PRO A 224 10.98 7.25 21.81
CA PRO A 224 10.14 6.57 22.81
C PRO A 224 8.77 7.21 23.00
N GLU A 225 8.70 8.52 22.72
CA GLU A 225 7.51 9.33 22.93
C GLU A 225 6.58 9.25 21.72
N SER A 226 7.09 8.71 20.60
CA SER A 226 6.39 8.68 19.33
C SER A 226 5.61 7.37 19.17
N SER A 227 4.34 7.38 19.61
CA SER A 227 3.55 6.16 19.72
C SER A 227 3.24 5.63 18.32
N GLN A 228 3.35 4.30 18.18
CA GLN A 228 3.04 3.57 16.94
C GLN A 228 3.84 4.09 15.74
N LEU A 229 5.05 4.61 15.98
CA LEU A 229 5.89 5.11 14.89
C LEU A 229 6.18 3.97 13.91
N PHE A 230 6.41 2.78 14.47
CA PHE A 230 6.64 1.59 13.66
C PHE A 230 5.53 1.43 12.63
N ALA A 231 4.29 1.32 13.10
CA ALA A 231 3.12 1.16 12.26
C ALA A 231 2.99 2.30 11.25
N LYS A 232 3.17 3.55 11.68
CA LYS A 232 3.00 4.70 10.81
C LYS A 232 4.05 4.61 9.69
N LEU A 233 5.27 4.20 10.03
CA LEU A 233 6.32 4.02 9.04
C LEU A 233 5.96 2.94 8.02
N LEU A 234 5.47 1.78 8.48
CA LEU A 234 5.08 0.71 7.56
C LEU A 234 3.97 1.18 6.62
N GLN A 235 3.01 1.96 7.16
CA GLN A 235 1.92 2.52 6.36
C GLN A 235 2.49 3.38 5.23
N LYS A 236 3.71 3.93 5.37
CA LYS A 236 4.30 4.75 4.32
C LYS A 236 4.80 3.91 3.15
N MET A 237 5.03 2.61 3.36
CA MET A 237 5.41 1.73 2.26
C MET A 237 4.27 1.66 1.24
N THR A 238 3.06 1.95 1.71
CA THR A 238 1.88 2.04 0.86
C THR A 238 2.03 3.23 -0.09
N ASP A 239 2.41 4.39 0.45
CA ASP A 239 2.52 5.60 -0.35
C ASP A 239 3.67 5.43 -1.36
N LEU A 240 4.72 4.70 -0.95
CA LEU A 240 5.86 4.46 -1.82
C LEU A 240 5.42 3.67 -3.04
N ARG A 241 4.64 2.61 -2.83
CA ARG A 241 4.25 1.72 -3.91
C ARG A 241 3.40 2.48 -4.93
N GLN A 242 2.46 3.30 -4.42
CA GLN A 242 1.55 4.07 -5.25
C GLN A 242 2.34 5.04 -6.12
N ILE A 243 3.28 5.79 -5.52
CA ILE A 243 3.94 6.87 -6.25
C ILE A 243 4.98 6.30 -7.23
N VAL A 244 5.60 5.16 -6.92
CA VAL A 244 6.48 4.49 -7.87
C VAL A 244 5.67 4.09 -9.10
N THR A 245 4.43 3.62 -8.89
CA THR A 245 3.54 3.23 -9.98
C THR A 245 3.17 4.45 -10.83
N GLU A 246 2.84 5.58 -10.21
CA GLU A 246 2.47 6.76 -10.97
C GLU A 246 3.66 7.26 -11.76
N HIS A 247 4.85 7.15 -11.15
CA HIS A 247 6.11 7.53 -11.77
C HIS A 247 6.23 6.86 -13.13
N VAL A 248 6.10 5.54 -13.15
CA VAL A 248 6.24 4.73 -14.35
C VAL A 248 5.25 5.15 -15.43
N GLN A 249 3.98 5.32 -15.07
CA GLN A 249 2.96 5.79 -16.00
C GLN A 249 3.36 7.15 -16.58
N LEU A 250 3.93 8.02 -15.75
CA LEU A 250 4.26 9.36 -16.18
C LEU A 250 5.50 9.36 -17.07
N LEU A 251 6.47 8.48 -16.76
CA LEU A 251 7.71 8.43 -17.52
C LEU A 251 7.44 7.85 -18.91
N GLN A 252 6.49 6.90 -18.97
CA GLN A 252 6.12 6.28 -20.24
C GLN A 252 5.57 7.35 -21.18
N VAL A 253 4.70 8.24 -20.66
CA VAL A 253 4.07 9.28 -21.46
C VAL A 253 5.09 10.30 -21.94
N ILE A 254 6.14 10.53 -21.13
CA ILE A 254 7.23 11.43 -21.51
C ILE A 254 8.01 10.81 -22.67
N LYS A 255 8.25 9.50 -22.59
CA LYS A 255 9.02 8.75 -23.58
C LYS A 255 8.30 8.63 -24.92
N LYS A 256 7.14 9.27 -25.07
CA LYS A 256 6.36 9.20 -26.31
C LYS A 256 6.09 10.58 -26.87
N THR A 257 6.53 11.64 -26.19
CA THR A 257 6.64 12.96 -26.80
C THR A 257 8.11 13.27 -27.06
N GLU A 258 8.99 12.83 -26.15
CA GLU A 258 10.36 13.30 -26.08
C GLU A 258 11.33 12.21 -26.54
N THR A 259 11.80 12.34 -27.80
CA THR A 259 12.93 11.56 -28.28
C THR A 259 14.21 12.31 -27.90
N ASP A 260 14.08 13.64 -27.75
CA ASP A 260 15.16 14.48 -27.26
C ASP A 260 15.64 14.02 -25.88
N MET A 261 14.80 13.24 -25.17
CA MET A 261 15.15 12.69 -23.87
C MET A 261 15.34 11.19 -24.04
N SER A 262 16.51 10.66 -23.64
CA SER A 262 16.68 9.22 -23.55
C SER A 262 17.19 8.77 -22.18
N LEU A 263 16.97 7.47 -21.90
CA LEU A 263 17.06 6.88 -20.58
C LEU A 263 18.32 6.02 -20.42
N HIS A 264 18.93 6.06 -19.24
CA HIS A 264 20.14 5.29 -18.98
C HIS A 264 19.78 3.79 -19.02
N PRO A 265 20.63 2.93 -19.64
CA PRO A 265 20.31 1.51 -19.80
C PRO A 265 19.84 0.85 -18.50
N LEU A 266 20.49 1.22 -17.39
CA LEU A 266 20.21 0.67 -16.08
C LEU A 266 18.75 0.89 -15.68
N LEU A 267 18.25 2.10 -15.92
CA LEU A 267 16.88 2.43 -15.58
C LEU A 267 15.92 1.78 -16.56
N GLN A 268 16.30 1.78 -17.86
CA GLN A 268 15.57 1.09 -18.90
C GLN A 268 15.30 -0.34 -18.46
N GLU A 269 16.39 -1.02 -18.12
CA GLU A 269 16.31 -2.40 -17.68
C GLU A 269 15.42 -2.52 -16.45
N ILE A 270 15.57 -1.63 -15.46
CA ILE A 270 14.76 -1.72 -14.25
C ILE A 270 13.28 -1.61 -14.64
N TYR A 271 12.95 -0.74 -15.60
CA TYR A 271 11.56 -0.54 -16.00
C TYR A 271 11.05 -1.66 -16.92
N LYS A 272 11.97 -2.36 -17.62
CA LYS A 272 11.68 -3.16 -18.82
C LYS A 272 10.41 -3.99 -18.69
N ASP A 273 10.16 -4.59 -17.52
CA ASP A 273 8.92 -5.31 -17.27
C ASP A 273 8.66 -5.30 -15.77
N LEU A 274 7.96 -4.26 -15.29
CA LEU A 274 7.68 -4.04 -13.87
C LEU A 274 6.24 -4.52 -13.57
N MET B 4 -0.19 0.34 33.22
CA MET B 4 -0.74 -0.67 32.27
C MET B 4 -1.96 -0.07 31.54
N GLU B 5 -2.21 -0.59 30.34
CA GLU B 5 -3.45 -0.38 29.61
C GLU B 5 -3.75 -1.59 28.72
N SER B 6 -3.17 -2.76 29.06
CA SER B 6 -3.44 -3.99 28.32
C SER B 6 -4.92 -4.31 28.35
N ALA B 7 -5.48 -4.28 29.56
CA ALA B 7 -6.88 -4.56 29.80
C ALA B 7 -7.78 -3.70 28.90
N ASP B 8 -7.41 -2.42 28.72
CA ASP B 8 -8.20 -1.52 27.90
C ASP B 8 -8.11 -1.92 26.44
N LEU B 9 -6.92 -2.39 26.02
CA LEU B 9 -6.73 -2.83 24.65
C LEU B 9 -7.54 -4.10 24.40
N ARG B 10 -7.52 -5.02 25.37
CA ARG B 10 -8.34 -6.21 25.29
C ARG B 10 -9.84 -5.86 25.31
N ALA B 11 -10.21 -4.84 26.09
CA ALA B 11 -11.60 -4.40 26.16
C ALA B 11 -12.08 -3.93 24.79
N LEU B 12 -11.22 -3.14 24.14
CA LEU B 12 -11.52 -2.60 22.82
C LEU B 12 -11.63 -3.72 21.79
N ALA B 13 -10.70 -4.68 21.86
CA ALA B 13 -10.75 -5.85 20.99
C ALA B 13 -12.09 -6.58 21.14
N LYS B 14 -12.45 -6.89 22.40
CA LYS B 14 -13.68 -7.63 22.68
C LYS B 14 -14.90 -6.85 22.18
N HIS B 15 -14.88 -5.53 22.39
CA HIS B 15 -15.98 -4.68 21.98
C HIS B 15 -16.17 -4.77 20.46
N LEU B 16 -15.06 -4.72 19.72
CA LEU B 16 -15.10 -4.72 18.26
C LEU B 16 -15.52 -6.10 17.75
N TYR B 17 -14.97 -7.16 18.37
CA TYR B 17 -15.33 -8.52 17.97
C TYR B 17 -16.85 -8.67 18.11
N ASP B 18 -17.40 -8.33 19.28
CA ASP B 18 -18.84 -8.48 19.52
C ASP B 18 -19.67 -7.74 18.47
N SER B 19 -19.23 -6.57 18.08
CA SER B 19 -19.97 -5.76 17.13
C SER B 19 -19.87 -6.32 15.72
N TYR B 20 -18.69 -6.84 15.36
CA TYR B 20 -18.41 -7.40 14.03
C TYR B 20 -19.34 -8.61 13.82
N ILE B 21 -19.50 -9.45 14.86
CA ILE B 21 -20.46 -10.56 14.82
C ILE B 21 -21.89 -10.07 14.52
N LYS B 22 -22.34 -8.99 15.17
CA LYS B 22 -23.71 -8.50 15.01
C LYS B 22 -23.89 -7.90 13.62
N SER B 23 -22.85 -7.28 13.03
CA SER B 23 -22.99 -6.45 11.84
C SER B 23 -22.93 -7.26 10.55
N PHE B 24 -22.16 -8.35 10.56
CA PHE B 24 -21.88 -9.06 9.31
C PHE B 24 -22.75 -10.32 9.30
N PRO B 25 -23.32 -10.72 8.13
CA PRO B 25 -24.21 -11.88 8.06
C PRO B 25 -23.47 -13.19 8.33
N LEU B 26 -22.35 -13.39 7.62
CA LEU B 26 -21.60 -14.63 7.65
C LEU B 26 -20.17 -14.40 8.13
N THR B 27 -19.81 -14.94 9.31
CA THR B 27 -18.47 -14.77 9.85
C THR B 27 -17.46 -15.60 9.05
N LYS B 28 -16.17 -15.33 9.27
CA LYS B 28 -15.12 -16.12 8.67
C LYS B 28 -15.14 -17.55 9.23
N ALA B 29 -15.32 -17.69 10.55
CA ALA B 29 -15.43 -18.99 11.20
C ALA B 29 -16.48 -19.87 10.54
N LYS B 30 -17.69 -19.32 10.35
CA LYS B 30 -18.76 -20.03 9.68
C LYS B 30 -18.39 -20.32 8.23
N ALA B 31 -17.84 -19.35 7.49
CA ALA B 31 -17.56 -19.54 6.07
C ALA B 31 -16.51 -20.62 5.85
N ARG B 32 -15.55 -20.77 6.78
CA ARG B 32 -14.49 -21.75 6.63
C ARG B 32 -15.03 -23.16 6.85
N ALA B 33 -15.90 -23.33 7.85
CA ALA B 33 -16.61 -24.60 8.06
C ALA B 33 -17.30 -25.04 6.78
N ILE B 34 -18.02 -24.13 6.13
CA ILE B 34 -18.69 -24.46 4.87
C ILE B 34 -17.65 -24.78 3.78
N LEU B 35 -16.58 -24.00 3.65
CA LEU B 35 -15.69 -24.18 2.52
C LEU B 35 -14.89 -25.48 2.63
N THR B 36 -14.49 -25.85 3.86
CA THR B 36 -13.61 -27.00 4.04
C THR B 36 -14.44 -28.28 4.00
N GLY B 37 -15.76 -28.14 4.16
CA GLY B 37 -16.67 -29.28 4.13
C GLY B 37 -16.76 -29.93 5.51
N LYS B 38 -16.56 -29.12 6.57
CA LYS B 38 -16.96 -29.45 7.92
C LYS B 38 -18.39 -28.88 8.14
N LYS B 42 -26.31 -29.65 4.96
CA LYS B 42 -26.56 -28.23 4.58
C LYS B 42 -25.49 -27.83 3.55
N SER B 43 -25.09 -28.78 2.70
CA SER B 43 -24.16 -28.48 1.61
C SER B 43 -24.67 -27.30 0.78
N PRO B 44 -23.81 -26.29 0.51
CA PRO B 44 -24.20 -25.20 -0.39
C PRO B 44 -24.55 -25.71 -1.78
N PHE B 45 -25.47 -25.02 -2.45
CA PHE B 45 -25.74 -25.26 -3.86
C PHE B 45 -24.57 -24.75 -4.70
N VAL B 46 -24.08 -25.57 -5.64
CA VAL B 46 -22.84 -25.25 -6.33
C VAL B 46 -23.15 -24.78 -7.75
N ILE B 47 -22.54 -23.65 -8.14
CA ILE B 47 -22.75 -23.05 -9.44
C ILE B 47 -21.41 -23.14 -10.15
N TYR B 48 -21.31 -24.08 -11.11
CA TYR B 48 -20.05 -24.38 -11.78
C TYR B 48 -20.18 -24.16 -13.28
N ASP B 49 -21.38 -23.80 -13.76
CA ASP B 49 -21.61 -23.60 -15.18
C ASP B 49 -23.02 -23.03 -15.41
N MET B 50 -23.39 -22.81 -16.68
CA MET B 50 -24.63 -22.12 -17.03
C MET B 50 -25.85 -22.88 -16.50
N ASN B 51 -25.91 -24.19 -16.75
CA ASN B 51 -27.08 -24.99 -16.41
C ASN B 51 -27.29 -24.96 -14.91
N SER B 52 -26.18 -25.03 -14.16
CA SER B 52 -26.30 -25.07 -12.70
C SER B 52 -26.66 -23.68 -12.15
N LEU B 53 -26.33 -22.61 -12.89
CA LEU B 53 -26.78 -21.28 -12.51
C LEU B 53 -28.29 -21.22 -12.67
N MET B 54 -28.77 -21.63 -13.85
CA MET B 54 -30.21 -21.66 -14.12
C MET B 54 -30.95 -22.39 -12.99
N MET B 55 -30.41 -23.52 -12.54
CA MET B 55 -31.13 -24.32 -11.58
C MET B 55 -31.13 -23.61 -10.24
N GLY B 56 -29.97 -23.06 -9.87
CA GLY B 56 -29.81 -22.40 -8.58
C GLY B 56 -30.75 -21.20 -8.44
N GLU B 57 -30.87 -20.41 -9.51
CA GLU B 57 -31.69 -19.22 -9.43
C GLU B 57 -33.15 -19.66 -9.38
N ASP B 58 -33.47 -20.77 -10.06
CA ASP B 58 -34.82 -21.33 -10.09
C ASP B 58 -35.18 -22.01 -8.76
N LYS B 59 -34.18 -22.62 -8.08
CA LYS B 59 -34.42 -23.37 -6.86
C LYS B 59 -34.08 -22.55 -5.62
N ILE B 60 -32.85 -22.05 -5.51
CA ILE B 60 -32.42 -21.30 -4.32
C ILE B 60 -32.96 -19.87 -4.38
N LYS B 61 -33.24 -19.37 -5.60
CA LYS B 61 -33.81 -18.03 -5.78
C LYS B 61 -32.88 -16.98 -5.17
N PHE B 62 -31.70 -16.83 -5.76
CA PHE B 62 -30.67 -15.93 -5.22
C PHE B 62 -30.98 -14.50 -5.66
N LYS B 63 -31.16 -13.59 -4.70
CA LYS B 63 -31.29 -12.18 -5.05
C LYS B 63 -29.91 -11.72 -5.54
N HIS B 64 -29.84 -10.74 -6.45
CA HIS B 64 -28.58 -10.31 -7.05
C HIS B 64 -28.33 -11.04 -8.37
N ILE B 65 -28.64 -12.35 -8.45
CA ILE B 65 -28.52 -13.10 -9.70
C ILE B 65 -29.89 -13.57 -10.19
N THR B 66 -30.97 -12.81 -9.91
CA THR B 66 -32.27 -13.11 -10.50
C THR B 66 -32.63 -12.01 -11.49
N PRO B 67 -33.16 -12.37 -12.70
CA PRO B 67 -33.43 -11.39 -13.73
C PRO B 67 -34.43 -10.32 -13.28
N LEU B 68 -34.21 -9.10 -13.78
CA LEU B 68 -35.02 -7.94 -13.44
C LEU B 68 -35.96 -7.64 -14.62
N SER B 72 -30.73 -7.04 -18.66
CA SER B 72 -29.86 -7.77 -19.61
C SER B 72 -29.96 -9.27 -19.37
N LYS B 73 -29.94 -10.02 -20.47
CA LYS B 73 -30.15 -11.46 -20.45
C LYS B 73 -28.82 -12.22 -20.56
N GLU B 74 -27.69 -11.50 -20.63
CA GLU B 74 -26.40 -12.17 -20.81
C GLU B 74 -25.75 -12.49 -19.47
N VAL B 75 -25.40 -13.77 -19.28
CA VAL B 75 -25.05 -14.29 -17.97
C VAL B 75 -23.89 -13.51 -17.37
N ALA B 76 -22.91 -13.14 -18.18
CA ALA B 76 -21.67 -12.57 -17.67
C ALA B 76 -21.96 -11.20 -17.03
N ILE B 77 -22.86 -10.45 -17.67
CA ILE B 77 -23.35 -9.17 -17.17
C ILE B 77 -24.16 -9.37 -15.90
N ARG B 78 -25.04 -10.38 -15.87
CA ARG B 78 -25.89 -10.60 -14.72
C ARG B 78 -25.06 -10.90 -13.47
N ILE B 79 -23.96 -11.65 -13.63
CA ILE B 79 -23.10 -12.01 -12.52
C ILE B 79 -22.28 -10.80 -12.08
N PHE B 80 -21.82 -10.03 -13.05
CA PHE B 80 -21.05 -8.83 -12.76
C PHE B 80 -21.92 -7.91 -11.90
N GLN B 81 -23.15 -7.67 -12.36
CA GLN B 81 -24.09 -6.79 -11.68
C GLN B 81 -24.41 -7.35 -10.31
N GLY B 82 -24.49 -8.68 -10.17
CA GLY B 82 -24.72 -9.33 -8.89
C GLY B 82 -23.62 -8.99 -7.88
N CYS B 83 -22.36 -8.90 -8.35
CA CYS B 83 -21.26 -8.51 -7.48
C CYS B 83 -21.42 -7.07 -7.02
N GLN B 84 -21.77 -6.19 -7.97
CA GLN B 84 -22.01 -4.78 -7.71
C GLN B 84 -23.10 -4.60 -6.65
N PHE B 85 -24.21 -5.33 -6.83
CA PHE B 85 -25.35 -5.26 -5.92
C PHE B 85 -24.94 -5.69 -4.51
N ARG B 86 -24.23 -6.83 -4.40
CA ARG B 86 -23.81 -7.30 -3.09
C ARG B 86 -22.88 -6.30 -2.40
N SER B 87 -21.99 -5.65 -3.17
CA SER B 87 -21.05 -4.70 -2.60
C SER B 87 -21.81 -3.52 -1.95
N VAL B 88 -22.84 -3.01 -2.62
CA VAL B 88 -23.71 -1.99 -2.05
C VAL B 88 -24.40 -2.45 -0.76
N GLU B 89 -24.91 -3.68 -0.74
CA GLU B 89 -25.47 -4.20 0.50
C GLU B 89 -24.42 -4.21 1.62
N ALA B 90 -23.18 -4.58 1.29
CA ALA B 90 -22.11 -4.68 2.27
C ALA B 90 -21.73 -3.31 2.84
N VAL B 91 -21.79 -2.28 2.02
CA VAL B 91 -21.54 -0.92 2.51
C VAL B 91 -22.42 -0.60 3.73
N GLN B 92 -23.70 -1.00 3.73
CA GLN B 92 -24.58 -0.71 4.86
C GLN B 92 -24.14 -1.50 6.09
N GLU B 93 -23.65 -2.72 5.90
CA GLU B 93 -23.15 -3.47 7.04
C GLU B 93 -21.92 -2.80 7.63
N ILE B 94 -20.99 -2.37 6.78
CA ILE B 94 -19.76 -1.71 7.22
C ILE B 94 -20.08 -0.40 7.93
N THR B 95 -21.01 0.36 7.36
CA THR B 95 -21.48 1.61 7.95
C THR B 95 -21.94 1.40 9.39
N GLU B 96 -22.73 0.36 9.61
CA GLU B 96 -23.30 0.09 10.92
C GLU B 96 -22.17 -0.31 11.85
N TYR B 97 -21.23 -1.11 11.34
CA TYR B 97 -20.08 -1.56 12.12
C TYR B 97 -19.27 -0.34 12.58
N ALA B 98 -18.96 0.55 11.63
CA ALA B 98 -18.22 1.78 11.91
C ALA B 98 -18.78 2.54 13.10
N LYS B 99 -20.11 2.64 13.19
CA LYS B 99 -20.73 3.41 14.25
C LYS B 99 -20.38 2.81 15.61
N SER B 100 -19.99 1.53 15.65
CA SER B 100 -19.69 0.89 16.91
C SER B 100 -18.24 1.11 17.33
N ILE B 101 -17.41 1.72 16.47
CA ILE B 101 -16.02 1.94 16.82
C ILE B 101 -15.93 3.13 17.78
N PRO B 102 -15.41 2.96 19.02
CA PRO B 102 -15.32 4.05 19.97
C PRO B 102 -14.63 5.27 19.36
N GLY B 103 -15.34 6.40 19.42
CA GLY B 103 -14.86 7.69 18.96
C GLY B 103 -15.40 8.05 17.59
N PHE B 104 -15.88 7.05 16.80
CA PHE B 104 -16.22 7.31 15.40
C PHE B 104 -17.41 8.27 15.28
N VAL B 105 -18.49 8.06 16.05
CA VAL B 105 -19.68 8.88 15.84
C VAL B 105 -19.43 10.32 16.31
N ASN B 106 -18.45 10.52 17.20
CA ASN B 106 -18.06 11.83 17.67
C ASN B 106 -17.26 12.63 16.66
N LEU B 107 -16.85 12.02 15.54
CA LEU B 107 -16.12 12.77 14.53
C LEU B 107 -17.11 13.71 13.83
N ASP B 108 -16.59 14.78 13.26
CA ASP B 108 -17.31 15.62 12.32
C ASP B 108 -18.06 14.73 11.33
N LEU B 109 -19.32 15.08 11.08
CA LEU B 109 -20.20 14.23 10.29
C LEU B 109 -19.65 14.08 8.87
N ASN B 110 -19.07 15.12 8.30
CA ASN B 110 -18.55 15.07 6.94
C ASN B 110 -17.35 14.14 6.86
N ASP B 111 -16.55 14.09 7.93
CA ASP B 111 -15.41 13.19 8.00
C ASP B 111 -15.86 11.73 8.15
N GLN B 112 -16.95 11.48 8.89
CA GLN B 112 -17.53 10.16 8.94
C GLN B 112 -17.83 9.68 7.53
N VAL B 113 -18.51 10.53 6.77
CA VAL B 113 -18.90 10.16 5.42
C VAL B 113 -17.64 9.92 4.58
N THR B 114 -16.67 10.82 4.66
CA THR B 114 -15.45 10.70 3.86
C THR B 114 -14.71 9.39 4.15
N LEU B 115 -14.58 9.05 5.44
CA LEU B 115 -13.88 7.86 5.88
C LEU B 115 -14.54 6.63 5.28
N LEU B 116 -15.88 6.55 5.37
CA LEU B 116 -16.59 5.40 4.83
C LEU B 116 -16.46 5.37 3.31
N LYS B 117 -16.65 6.52 2.67
CA LYS B 117 -16.59 6.60 1.22
C LYS B 117 -15.29 6.00 0.68
N TYR B 118 -14.15 6.36 1.27
CA TYR B 118 -12.87 5.99 0.68
C TYR B 118 -12.29 4.74 1.32
N GLY B 119 -12.99 4.19 2.33
CA GLY B 119 -12.57 2.99 3.03
C GLY B 119 -13.31 1.71 2.58
N VAL B 120 -14.51 1.85 2.01
CA VAL B 120 -15.40 0.71 1.84
C VAL B 120 -14.80 -0.28 0.84
N HIS B 121 -14.20 0.21 -0.25
CA HIS B 121 -13.60 -0.69 -1.24
C HIS B 121 -12.56 -1.60 -0.57
N GLU B 122 -11.65 -1.03 0.19
CA GLU B 122 -10.58 -1.78 0.84
C GLU B 122 -11.18 -2.81 1.78
N ILE B 123 -12.30 -2.45 2.44
CA ILE B 123 -12.91 -3.33 3.43
C ILE B 123 -13.64 -4.50 2.77
N ILE B 124 -14.30 -4.24 1.64
CA ILE B 124 -15.04 -5.27 0.96
C ILE B 124 -14.07 -6.32 0.40
N TYR B 125 -12.97 -5.90 -0.26
CA TYR B 125 -11.89 -6.82 -0.65
C TYR B 125 -11.45 -7.69 0.55
N THR B 126 -11.10 -7.06 1.67
CA THR B 126 -10.59 -7.79 2.83
C THR B 126 -11.59 -8.87 3.24
N MET B 127 -12.86 -8.47 3.33
CA MET B 127 -13.85 -9.33 3.95
C MET B 127 -14.29 -10.39 2.94
N LEU B 128 -14.24 -10.05 1.65
CA LEU B 128 -14.52 -11.01 0.59
C LEU B 128 -13.57 -12.21 0.69
N ALA B 129 -12.34 -11.98 1.11
CA ALA B 129 -11.40 -13.07 1.25
C ALA B 129 -11.91 -14.10 2.25
N SER B 130 -12.63 -13.66 3.28
CA SER B 130 -13.14 -14.58 4.29
C SER B 130 -14.07 -15.63 3.68
N LEU B 131 -14.68 -15.31 2.52
CA LEU B 131 -15.72 -16.09 1.87
C LEU B 131 -15.16 -16.87 0.67
N MET B 132 -13.83 -16.82 0.47
CA MET B 132 -13.18 -17.37 -0.71
C MET B 132 -12.11 -18.36 -0.28
N ASN B 133 -11.91 -19.38 -1.14
CA ASN B 133 -10.70 -20.17 -1.11
C ASN B 133 -10.23 -20.21 -2.55
N LYS B 134 -9.21 -21.04 -2.83
CA LYS B 134 -8.64 -21.12 -4.18
C LYS B 134 -9.64 -21.65 -5.20
N ASP B 135 -10.78 -22.23 -4.79
CA ASP B 135 -11.70 -22.89 -5.71
C ASP B 135 -13.02 -22.16 -5.90
N GLY B 136 -13.38 -21.24 -4.98
CA GLY B 136 -14.56 -20.41 -5.26
C GLY B 136 -15.01 -19.56 -4.08
N VAL B 137 -16.26 -19.06 -4.16
CA VAL B 137 -16.75 -18.02 -3.26
C VAL B 137 -18.15 -18.34 -2.74
N LEU B 138 -18.36 -18.19 -1.44
CA LEU B 138 -19.70 -18.29 -0.87
C LEU B 138 -20.54 -17.08 -1.27
N ILE B 139 -21.81 -17.33 -1.58
CA ILE B 139 -22.81 -16.28 -1.79
C ILE B 139 -24.06 -16.58 -0.97
N SER B 140 -24.97 -15.58 -0.89
CA SER B 140 -26.24 -15.68 -0.17
C SER B 140 -26.06 -16.27 1.20
N GLU B 141 -25.19 -15.66 2.00
CA GLU B 141 -25.01 -16.03 3.40
C GLU B 141 -24.60 -17.50 3.50
N GLY B 142 -23.80 -17.97 2.54
CA GLY B 142 -23.19 -19.29 2.66
C GLY B 142 -24.03 -20.40 2.01
N GLN B 143 -25.14 -20.02 1.37
CA GLN B 143 -26.08 -20.98 0.82
C GLN B 143 -25.63 -21.43 -0.57
N GLY B 144 -24.89 -20.56 -1.24
CA GLY B 144 -24.39 -20.87 -2.56
C GLY B 144 -22.86 -20.86 -2.55
N PHE B 145 -22.27 -21.58 -3.51
CA PHE B 145 -20.83 -21.61 -3.70
C PHE B 145 -20.57 -21.55 -5.20
N MET B 146 -19.99 -20.44 -5.68
CA MET B 146 -19.74 -20.26 -7.11
C MET B 146 -18.25 -20.49 -7.36
N THR B 147 -17.95 -21.30 -8.39
CA THR B 147 -16.59 -21.77 -8.61
C THR B 147 -15.78 -20.67 -9.29
N ARG B 148 -14.49 -20.66 -8.92
CA ARG B 148 -13.51 -19.78 -9.50
C ARG B 148 -13.43 -19.95 -11.01
N GLU B 149 -13.55 -21.20 -11.49
CA GLU B 149 -13.33 -21.49 -12.89
C GLU B 149 -14.51 -20.92 -13.67
N PHE B 150 -15.72 -21.02 -13.10
CA PHE B 150 -16.89 -20.48 -13.78
C PHE B 150 -16.76 -18.96 -13.91
N LEU B 151 -16.44 -18.32 -12.80
CA LEU B 151 -16.26 -16.86 -12.76
C LEU B 151 -15.16 -16.43 -13.73
N LYS B 152 -13.98 -17.06 -13.60
CA LYS B 152 -12.83 -16.73 -14.42
C LYS B 152 -13.06 -16.94 -15.92
N SER B 153 -14.05 -17.74 -16.31
CA SER B 153 -14.22 -18.13 -17.71
C SER B 153 -15.38 -17.36 -18.36
N LEU B 154 -15.97 -16.41 -17.63
CA LEU B 154 -16.92 -15.50 -18.24
C LEU B 154 -16.20 -14.69 -19.32
N ARG B 155 -16.93 -14.31 -20.37
CA ARG B 155 -16.33 -13.82 -21.59
C ARG B 155 -15.78 -12.41 -21.41
N LYS B 156 -15.12 -11.94 -22.47
CA LYS B 156 -14.75 -10.54 -22.65
C LYS B 156 -14.03 -10.10 -21.40
N PRO B 157 -14.32 -8.89 -20.87
CA PRO B 157 -13.57 -8.39 -19.73
C PRO B 157 -14.07 -8.94 -18.39
N PHE B 158 -15.22 -9.62 -18.38
CA PHE B 158 -15.83 -10.01 -17.12
C PHE B 158 -15.00 -11.06 -16.40
N GLY B 159 -14.49 -12.07 -17.12
CA GLY B 159 -13.71 -13.12 -16.49
C GLY B 159 -12.46 -12.57 -15.83
N ASP B 160 -11.76 -11.70 -16.58
CA ASP B 160 -10.56 -11.03 -16.10
C ASP B 160 -10.85 -10.02 -14.97
N PHE B 161 -12.12 -9.69 -14.78
CA PHE B 161 -12.50 -8.81 -13.68
C PHE B 161 -12.58 -9.62 -12.38
N MET B 162 -12.97 -10.90 -12.49
CA MET B 162 -13.22 -11.71 -11.31
C MET B 162 -11.92 -12.24 -10.71
N GLU B 163 -11.02 -12.73 -11.56
CA GLU B 163 -9.88 -13.52 -11.13
C GLU B 163 -8.98 -12.76 -10.17
N PRO B 164 -8.65 -11.46 -10.39
CA PRO B 164 -7.81 -10.72 -9.44
C PRO B 164 -8.28 -10.77 -8.00
N LYS B 165 -9.61 -10.87 -7.79
CA LYS B 165 -10.15 -10.93 -6.44
C LYS B 165 -9.69 -12.22 -5.74
N PHE B 166 -9.71 -13.35 -6.48
CA PHE B 166 -9.27 -14.63 -5.94
C PHE B 166 -7.77 -14.60 -5.64
N GLU B 167 -7.00 -14.02 -6.58
CA GLU B 167 -5.55 -13.94 -6.42
C GLU B 167 -5.23 -13.23 -5.12
N PHE B 168 -5.93 -12.10 -4.88
CA PHE B 168 -5.75 -11.36 -3.64
C PHE B 168 -6.13 -12.22 -2.44
N ALA B 169 -7.34 -12.80 -2.47
CA ALA B 169 -7.85 -13.55 -1.32
C ALA B 169 -6.91 -14.66 -0.87
N VAL B 170 -6.43 -15.43 -1.85
CA VAL B 170 -5.53 -16.54 -1.57
C VAL B 170 -4.30 -16.08 -0.80
N LYS B 171 -3.69 -14.96 -1.22
CA LYS B 171 -2.54 -14.41 -0.51
C LYS B 171 -2.96 -13.92 0.88
N PHE B 172 -4.12 -13.25 0.97
CA PHE B 172 -4.53 -12.68 2.26
C PHE B 172 -4.82 -13.80 3.25
N ASN B 173 -5.50 -14.84 2.75
CA ASN B 173 -5.90 -15.97 3.58
C ASN B 173 -4.70 -16.73 4.14
N ALA B 174 -3.53 -16.61 3.50
CA ALA B 174 -2.35 -17.30 4.01
C ALA B 174 -1.96 -16.76 5.40
N LEU B 175 -2.43 -15.58 5.83
CA LEU B 175 -2.10 -15.06 7.15
C LEU B 175 -2.91 -15.78 8.22
N GLU B 176 -4.00 -16.43 7.81
CA GLU B 176 -4.85 -17.20 8.73
C GLU B 176 -5.37 -16.33 9.87
N LEU B 177 -5.87 -15.14 9.54
CA LEU B 177 -6.55 -14.31 10.52
C LEU B 177 -7.88 -14.96 10.87
N ASP B 178 -8.33 -14.74 12.12
CA ASP B 178 -9.73 -15.02 12.47
C ASP B 178 -10.51 -13.71 12.64
N ASP B 179 -11.81 -13.85 12.91
CA ASP B 179 -12.74 -12.73 13.08
C ASP B 179 -12.27 -11.77 14.17
N SER B 180 -11.80 -12.27 15.30
CA SER B 180 -11.32 -11.36 16.35
C SER B 180 -10.20 -10.46 15.84
N ASP B 181 -9.34 -11.02 14.97
CA ASP B 181 -8.25 -10.25 14.34
C ASP B 181 -8.86 -9.25 13.35
N LEU B 182 -9.75 -9.75 12.48
CA LEU B 182 -10.28 -8.94 11.38
C LEU B 182 -11.07 -7.73 11.90
N ALA B 183 -11.78 -7.89 13.02
CA ALA B 183 -12.62 -6.82 13.53
C ALA B 183 -11.76 -5.59 13.78
N ILE B 184 -10.59 -5.79 14.40
CA ILE B 184 -9.68 -4.70 14.69
C ILE B 184 -9.06 -4.17 13.40
N PHE B 185 -8.70 -5.05 12.45
CA PHE B 185 -8.04 -4.64 11.23
C PHE B 185 -8.98 -3.75 10.38
N ILE B 186 -10.25 -4.14 10.27
CA ILE B 186 -11.27 -3.36 9.57
C ILE B 186 -11.40 -1.97 10.21
N ALA B 187 -11.33 -1.91 11.53
CA ALA B 187 -11.40 -0.64 12.23
C ALA B 187 -10.23 0.28 11.82
N VAL B 188 -9.02 -0.29 11.80
CA VAL B 188 -7.82 0.44 11.41
C VAL B 188 -8.04 1.03 10.02
N ILE B 189 -8.55 0.23 9.08
CA ILE B 189 -8.74 0.73 7.72
C ILE B 189 -9.69 1.94 7.72
N ILE B 190 -10.79 1.88 8.48
CA ILE B 190 -11.82 2.91 8.43
C ILE B 190 -11.20 4.22 8.93
N LEU B 191 -10.49 4.18 10.08
CA LEU B 191 -9.89 5.35 10.69
C LEU B 191 -8.53 5.70 10.05
N SER B 192 -8.51 5.87 8.73
CA SER B 192 -7.31 6.27 8.03
C SER B 192 -7.31 7.79 7.83
N GLY B 193 -6.30 8.45 8.41
CA GLY B 193 -6.22 9.89 8.43
C GLY B 193 -5.75 10.49 7.11
N ASP B 194 -5.49 9.67 6.08
CA ASP B 194 -4.96 10.20 4.83
C ASP B 194 -6.01 10.21 3.74
N ARG B 195 -7.29 10.05 4.09
CA ARG B 195 -8.31 10.07 3.06
C ARG B 195 -8.45 11.49 2.56
N PRO B 196 -8.76 11.70 1.26
CA PRO B 196 -8.89 13.05 0.72
C PRO B 196 -10.07 13.79 1.33
N GLY B 197 -9.87 15.08 1.64
CA GLY B 197 -10.94 15.98 2.03
C GLY B 197 -11.33 15.87 3.50
N LEU B 198 -10.51 15.20 4.32
CA LEU B 198 -10.75 15.15 5.75
C LEU B 198 -10.57 16.55 6.32
N LEU B 199 -11.42 16.93 7.27
CA LEU B 199 -11.37 18.26 7.87
C LEU B 199 -10.52 18.21 9.13
N ASN B 200 -10.65 17.14 9.91
CA ASN B 200 -9.97 17.10 11.17
C ASN B 200 -9.29 15.76 11.37
N VAL B 201 -8.04 15.68 10.90
CA VAL B 201 -7.28 14.45 10.85
C VAL B 201 -6.86 14.01 12.26
N LYS B 202 -6.57 14.96 13.15
CA LYS B 202 -5.97 14.59 14.42
C LYS B 202 -6.79 13.50 15.13
N PRO B 203 -8.10 13.70 15.41
CA PRO B 203 -8.86 12.74 16.20
C PRO B 203 -9.01 11.39 15.50
N ILE B 204 -8.92 11.37 14.18
CA ILE B 204 -8.94 10.15 13.40
C ILE B 204 -7.66 9.35 13.67
N GLU B 205 -6.51 10.02 13.60
CA GLU B 205 -5.24 9.34 13.83
C GLU B 205 -5.13 8.89 15.28
N ASP B 206 -5.71 9.64 16.24
CA ASP B 206 -5.70 9.26 17.66
C ASP B 206 -6.45 7.94 17.87
N ILE B 207 -7.58 7.79 17.17
CA ILE B 207 -8.37 6.59 17.30
C ILE B 207 -7.63 5.45 16.64
N GLN B 208 -7.05 5.72 15.48
CA GLN B 208 -6.28 4.73 14.77
C GLN B 208 -5.10 4.23 15.59
N ASP B 209 -4.44 5.13 16.34
CA ASP B 209 -3.28 4.75 17.13
C ASP B 209 -3.71 3.76 18.21
N ASN B 210 -4.91 3.94 18.75
CA ASN B 210 -5.46 3.01 19.73
C ASN B 210 -5.78 1.67 19.10
N LEU B 211 -6.42 1.71 17.93
CA LEU B 211 -6.78 0.50 17.22
C LEU B 211 -5.51 -0.28 16.84
N LEU B 212 -4.44 0.43 16.49
CA LEU B 212 -3.19 -0.21 16.08
C LEU B 212 -2.57 -0.91 17.28
N GLN B 213 -2.57 -0.23 18.42
CA GLN B 213 -2.11 -0.84 19.67
C GLN B 213 -2.92 -2.09 19.96
N ALA B 214 -4.23 -2.02 19.72
CA ALA B 214 -5.10 -3.13 20.08
C ALA B 214 -4.84 -4.31 19.14
N LEU B 215 -4.62 -4.01 17.86
CA LEU B 215 -4.37 -5.03 16.87
C LEU B 215 -3.04 -5.72 17.16
N GLU B 216 -2.04 -4.93 17.54
CA GLU B 216 -0.70 -5.44 17.84
C GLU B 216 -0.81 -6.47 18.97
N LEU B 217 -1.40 -6.06 20.10
CA LEU B 217 -1.52 -6.94 21.25
C LEU B 217 -2.36 -8.17 20.88
N GLN B 218 -3.43 -7.94 20.11
CA GLN B 218 -4.34 -9.01 19.73
C GLN B 218 -3.56 -10.11 18.99
N LEU B 219 -2.69 -9.70 18.05
CA LEU B 219 -1.98 -10.63 17.19
C LEU B 219 -0.89 -11.35 17.98
N LYS B 220 -0.20 -10.65 18.90
CA LYS B 220 0.78 -11.31 19.74
C LYS B 220 0.16 -12.42 20.59
N LEU B 221 -1.06 -12.21 21.11
CA LEU B 221 -1.69 -13.20 21.99
C LEU B 221 -2.36 -14.34 21.21
N ASN B 222 -2.90 -14.02 20.04
CA ASN B 222 -3.72 -14.97 19.32
C ASN B 222 -2.85 -15.81 18.39
N HIS B 223 -1.66 -15.28 18.06
CA HIS B 223 -0.75 -15.89 17.10
C HIS B 223 0.68 -15.69 17.61
N PRO B 224 1.03 -16.19 18.81
CA PRO B 224 2.32 -15.90 19.44
C PRO B 224 3.50 -16.48 18.67
N GLU B 225 3.24 -17.51 17.85
CA GLU B 225 4.28 -18.20 17.09
C GLU B 225 4.55 -17.49 15.77
N SER B 226 3.64 -16.58 15.38
CA SER B 226 3.65 -16.00 14.05
C SER B 226 4.40 -14.68 14.09
N SER B 227 5.74 -14.74 13.89
CA SER B 227 6.59 -13.58 14.12
C SER B 227 6.22 -12.46 13.13
N GLN B 228 6.20 -11.22 13.65
CA GLN B 228 5.97 -10.00 12.86
C GLN B 228 4.69 -10.10 12.03
N LEU B 229 3.64 -10.74 12.57
CA LEU B 229 2.37 -10.82 11.86
C LEU B 229 1.75 -9.43 11.76
N PHE B 230 1.91 -8.63 12.81
CA PHE B 230 1.47 -7.24 12.78
C PHE B 230 2.00 -6.53 11.53
N ALA B 231 3.32 -6.55 11.38
CA ALA B 231 3.98 -5.93 10.25
C ALA B 231 3.48 -6.51 8.95
N LYS B 232 3.35 -7.84 8.86
CA LYS B 232 2.94 -8.48 7.61
C LYS B 232 1.53 -8.05 7.23
N LEU B 233 0.66 -7.85 8.23
CA LEU B 233 -0.72 -7.45 8.00
C LEU B 233 -0.76 -5.99 7.51
N LEU B 234 0.04 -5.10 8.11
CA LEU B 234 0.10 -3.71 7.64
C LEU B 234 0.63 -3.66 6.21
N GLN B 235 1.59 -4.53 5.88
CA GLN B 235 2.12 -4.58 4.53
C GLN B 235 1.00 -4.92 3.54
N LYS B 236 -0.07 -5.61 3.99
CA LYS B 236 -1.17 -5.96 3.10
C LYS B 236 -2.01 -4.74 2.69
N MET B 237 -1.96 -3.65 3.48
CA MET B 237 -2.63 -2.43 3.04
C MET B 237 -2.10 -1.96 1.68
N THR B 238 -0.86 -2.31 1.40
CA THR B 238 -0.25 -2.02 0.10
C THR B 238 -1.00 -2.74 -1.01
N ASP B 239 -1.23 -4.05 -0.86
CA ASP B 239 -1.94 -4.80 -1.88
C ASP B 239 -3.39 -4.34 -1.99
N LEU B 240 -3.96 -3.85 -0.87
CA LEU B 240 -5.35 -3.41 -0.85
C LEU B 240 -5.50 -2.14 -1.67
N ARG B 241 -4.65 -1.14 -1.42
CA ARG B 241 -4.71 0.10 -2.17
C ARG B 241 -4.44 -0.14 -3.65
N GLN B 242 -3.49 -1.02 -3.96
CA GLN B 242 -3.11 -1.31 -5.33
C GLN B 242 -4.30 -1.89 -6.08
N ILE B 243 -4.94 -2.91 -5.50
CA ILE B 243 -6.04 -3.56 -6.21
C ILE B 243 -7.28 -2.66 -6.28
N VAL B 244 -7.53 -1.82 -5.27
CA VAL B 244 -8.65 -0.87 -5.36
C VAL B 244 -8.43 0.09 -6.53
N THR B 245 -7.18 0.52 -6.77
CA THR B 245 -6.84 1.36 -7.91
C THR B 245 -7.09 0.61 -9.23
N GLU B 246 -6.70 -0.66 -9.30
CA GLU B 246 -6.87 -1.44 -10.51
C GLU B 246 -8.37 -1.58 -10.81
N HIS B 247 -9.11 -1.85 -9.74
CA HIS B 247 -10.55 -2.03 -9.78
C HIS B 247 -11.22 -0.89 -10.55
N VAL B 248 -10.89 0.34 -10.16
CA VAL B 248 -11.45 1.55 -10.75
C VAL B 248 -11.13 1.60 -12.25
N GLN B 249 -9.88 1.35 -12.62
CA GLN B 249 -9.50 1.33 -14.03
C GLN B 249 -10.33 0.28 -14.77
N LEU B 250 -10.58 -0.88 -14.15
CA LEU B 250 -11.29 -1.95 -14.84
C LEU B 250 -12.76 -1.57 -15.06
N LEU B 251 -13.43 -1.06 -14.03
CA LEU B 251 -14.81 -0.60 -14.17
C LEU B 251 -14.94 0.40 -15.32
N GLN B 252 -13.99 1.32 -15.42
CA GLN B 252 -14.11 2.40 -16.39
C GLN B 252 -14.09 1.84 -17.82
N VAL B 253 -13.21 0.87 -18.06
CA VAL B 253 -13.13 0.23 -19.37
C VAL B 253 -14.46 -0.46 -19.68
N ILE B 254 -15.09 -1.04 -18.66
CA ILE B 254 -16.35 -1.74 -18.84
C ILE B 254 -17.43 -0.73 -19.23
N LYS B 255 -17.46 0.41 -18.50
CA LYS B 255 -18.41 1.49 -18.72
C LYS B 255 -18.32 1.96 -20.19
N LYS B 256 -17.09 2.18 -20.68
CA LYS B 256 -16.85 2.68 -22.04
C LYS B 256 -17.28 1.67 -23.11
N THR B 257 -17.05 0.38 -22.86
CA THR B 257 -17.09 -0.66 -23.88
C THR B 257 -18.48 -1.28 -24.04
N GLU B 258 -19.21 -1.48 -22.94
CA GLU B 258 -20.39 -2.33 -22.93
C GLU B 258 -21.65 -1.51 -23.18
N THR B 259 -22.45 -1.93 -24.19
CA THR B 259 -23.64 -1.18 -24.59
C THR B 259 -24.90 -1.73 -23.87
N ASP B 260 -24.81 -2.96 -23.33
CA ASP B 260 -25.99 -3.72 -22.93
C ASP B 260 -26.18 -3.76 -21.41
N MET B 261 -25.53 -2.83 -20.68
CA MET B 261 -25.47 -2.86 -19.21
C MET B 261 -26.68 -2.17 -18.57
N SER B 262 -27.67 -1.76 -19.37
CA SER B 262 -28.69 -0.84 -18.89
C SER B 262 -29.61 -1.50 -17.86
N LEU B 263 -29.81 -0.82 -16.72
CA LEU B 263 -30.83 -1.17 -15.74
C LEU B 263 -31.89 -0.06 -15.70
N HIS B 264 -32.97 -0.29 -14.95
CA HIS B 264 -33.91 0.78 -14.62
C HIS B 264 -33.15 1.94 -13.94
N PRO B 265 -33.40 3.21 -14.33
CA PRO B 265 -32.66 4.37 -13.80
C PRO B 265 -32.55 4.49 -12.28
N LEU B 266 -33.62 4.06 -11.59
CA LEU B 266 -33.64 4.09 -10.14
C LEU B 266 -32.70 3.03 -9.59
N LEU B 267 -32.63 1.88 -10.26
CA LEU B 267 -31.66 0.88 -9.85
C LEU B 267 -30.24 1.42 -10.05
N GLN B 268 -30.02 2.06 -11.19
CA GLN B 268 -28.70 2.61 -11.47
C GLN B 268 -28.32 3.61 -10.41
N GLU B 269 -29.30 4.42 -10.01
CA GLU B 269 -29.11 5.38 -8.94
C GLU B 269 -28.73 4.67 -7.64
N ILE B 270 -29.48 3.61 -7.28
CA ILE B 270 -29.24 2.94 -6.02
C ILE B 270 -27.84 2.33 -6.04
N TYR B 271 -27.52 1.63 -7.15
CA TYR B 271 -26.36 0.75 -7.23
C TYR B 271 -25.29 1.46 -8.05
N LYS B 272 -25.31 2.80 -8.01
CA LYS B 272 -24.30 3.62 -8.66
C LYS B 272 -22.91 3.35 -8.09
N ASP B 273 -22.81 3.11 -6.77
CA ASP B 273 -21.54 2.79 -6.13
C ASP B 273 -20.44 3.74 -6.60
C1 A1IQL C . 12.77 9.67 -8.39
C2 A1IQL C . 13.41 9.11 -9.64
C5 A1IQL C . 14.57 8.01 -11.91
C6 A1IQL C . 14.18 9.34 -11.93
C7 A1IQL C . 14.38 10.15 -13.21
C8 A1IQL C . 13.59 9.89 -10.80
C9 A1IQL C . 13.15 11.30 -10.81
C10 A1IQL C . 15.44 12.64 -8.54
C11 A1IQL C . 16.60 12.45 -7.67
C12 A1IQL C . 16.70 11.24 -6.98
C14 A1IQL C . 18.63 12.04 -5.80
C15 A1IQL C . 19.74 11.86 -4.81
C3 A1IQL C . 13.82 7.79 -9.66
C4 A1IQL C . 14.41 7.24 -10.78
O1 A1IQL C . 12.19 11.71 -11.44
N1 A1IQL C . 13.86 12.11 -9.93
N2 A1IQL C . 15.03 11.67 -9.34
C13 A1IQL C . 17.73 11.03 -6.08
O2 A1IQL C . 19.68 10.89 -4.02
O3 A1IQL C . 20.60 12.74 -4.80
C16 A1IQL C . 18.51 13.27 -6.43
C17 A1IQL C . 17.49 13.49 -7.34
O4 A1IQL C . 17.39 14.68 -7.97
C18 A1IQL C . 18.49 15.61 -7.85
C19 A1IQL C . 18.27 16.72 -8.82
C20 A1IQL C . 19.20 16.97 -9.82
C21 A1IQL C . 18.99 18.01 -10.69
C22 A1IQL C . 17.87 18.80 -10.58
C23 A1IQL C . 16.95 18.57 -9.60
C24 A1IQL C . 17.15 17.52 -8.72
C25 A1IQL C . 14.49 13.71 -8.56
C26 A1IQL C . 14.42 14.94 -7.90
C27 A1IQL C . 13.33 15.73 -8.16
CL1 A1IQL C . 13.22 17.26 -7.33
C28 A1IQL C . 12.33 15.37 -9.06
C29 A1IQL C . 12.40 14.19 -9.74
C30 A1IQL C . 13.49 13.35 -9.46
C1 A1IQL D . -14.51 -6.52 -4.33
C2 A1IQL D . -15.40 -5.35 -4.63
C5 A1IQL D . -17.04 -3.15 -5.10
C6 A1IQL D . -17.15 -4.25 -5.93
C7 A1IQL D . -18.14 -4.21 -7.06
C8 A1IQL D . -16.31 -5.36 -5.70
C9 A1IQL D . -16.42 -6.56 -6.61
C10 A1IQL D . -17.79 -9.04 -4.55
C11 A1IQL D . -18.41 -9.37 -3.25
C12 A1IQL D . -18.02 -8.62 -2.15
C14 A1IQL D . -19.32 -10.02 -0.71
C15 A1IQL D . -19.80 -10.41 0.66
C3 A1IQL D . -15.33 -4.22 -3.82
C4 A1IQL D . -16.14 -3.14 -4.04
O1 A1IQL D . -16.04 -6.51 -7.76
N1 A1IQL D . -16.86 -7.77 -6.05
N2 A1IQL D . -17.52 -7.78 -4.83
C13 A1IQL D . -18.46 -8.94 -0.88
O2 A1IQL D . -20.74 -11.23 0.69
O3 A1IQL D . -19.19 -9.96 1.66
C16 A1IQL D . -19.71 -10.79 -1.79
C17 A1IQL D . -19.23 -10.48 -3.05
O4 A1IQL D . -19.64 -11.17 -4.14
C18 A1IQL D . -20.54 -12.29 -3.96
C19 A1IQL D . -21.02 -12.59 -5.34
C20 A1IQL D . -20.25 -13.34 -6.20
C21 A1IQL D . -20.69 -13.59 -7.49
C22 A1IQL D . -21.90 -13.10 -7.92
C23 A1IQL D . -22.66 -12.34 -7.09
C24 A1IQL D . -22.23 -12.07 -5.79
C25 A1IQL D . -17.18 -9.90 -5.53
C26 A1IQL D . -17.11 -11.29 -5.69
C27 A1IQL D . -16.41 -11.77 -6.78
CL1 A1IQL D . -16.27 -13.51 -6.97
C28 A1IQL D . -15.84 -10.93 -7.75
C29 A1IQL D . -15.94 -9.56 -7.62
C30 A1IQL D . -16.61 -9.06 -6.49
#